data_6FC2
#
_entry.id   6FC2
#
_cell.length_a   87.574
_cell.length_b   95.116
_cell.length_c   56.009
_cell.angle_alpha   90.00
_cell.angle_beta   90.00
_cell.angle_gamma   90.00
#
_symmetry.space_group_name_H-M   'P 21 21 2'
#
loop_
_entity.id
_entity.type
_entity.pdbx_description
1 polymer 'Eukaryotic translation initiation factor 4E'
2 polymer 'Protein EAP1'
3 non-polymer 'CALCIUM ION'
4 water water
#
loop_
_entity_poly.entity_id
_entity_poly.type
_entity_poly.pdbx_seq_one_letter_code
_entity_poly.pdbx_strand_id
1 'polypeptide(L)'
;GPHMVKHPLNTAWTLWYTKPAVDKSESWSDLLRPVTSFQTVEEFWAIIQNIPEPHELPLKSDYHVFRNDVRPEWEDEANA
KGGKWSFQLRGKGADIDELWLRTLLAVIGETIDEDDSQINGVVLSIRKGGNKFALWTASEDKEPLLRIGGKFKQVLALTD
DGHLEFFPHSSANGRHPQPSITL
;
A,C
2 'polypeptide(L)' GPHMTDPITNYKPMDLQYKTYAYSMNELYHLKPSLASASYEEDPLISELVRSLPKRKFWRLRMG B,D
#
# COMPACT_ATOMS: atom_id res chain seq x y z
N GLY A 1 21.61 -1.18 -17.27
CA GLY A 1 22.21 -0.02 -16.64
C GLY A 1 23.26 -0.38 -15.60
N PRO A 2 23.67 0.59 -14.81
CA PRO A 2 24.70 0.34 -13.80
C PRO A 2 24.11 -0.24 -12.52
N HIS A 3 24.96 -0.94 -11.77
CA HIS A 3 24.57 -1.44 -10.47
C HIS A 3 24.56 -0.31 -9.45
N MET A 4 23.49 -0.25 -8.65
CA MET A 4 23.48 0.59 -7.47
C MET A 4 24.51 0.09 -6.46
N VAL A 5 25.07 1.03 -5.71
CA VAL A 5 25.88 0.71 -4.54
C VAL A 5 24.93 0.16 -3.47
N LYS A 6 25.06 -1.13 -3.16
CA LYS A 6 24.13 -1.78 -2.26
C LYS A 6 24.51 -1.56 -0.81
N HIS A 7 23.49 -1.62 0.05
CA HIS A 7 23.66 -1.53 1.49
C HIS A 7 23.48 -2.91 2.10
N PRO A 8 24.51 -3.53 2.66
CA PRO A 8 24.37 -4.92 3.10
C PRO A 8 23.51 -5.04 4.35
N LEU A 9 22.85 -6.19 4.46
CA LEU A 9 22.19 -6.61 5.68
C LEU A 9 23.14 -7.49 6.48
N ASN A 10 22.91 -7.56 7.79
CA ASN A 10 23.85 -8.26 8.65
C ASN A 10 23.87 -9.76 8.39
N THR A 11 22.74 -10.36 8.05
CA THR A 11 22.75 -11.74 7.55
C THR A 11 21.89 -11.78 6.30
N ALA A 12 22.02 -12.87 5.55
CA ALA A 12 21.08 -13.13 4.49
C ALA A 12 19.75 -13.61 5.06
N TRP A 13 18.69 -13.42 4.28
CA TRP A 13 17.34 -13.79 4.66
C TRP A 13 16.66 -14.44 3.47
N THR A 14 15.70 -15.32 3.78
CA THR A 14 14.89 -15.99 2.77
C THR A 14 13.42 -15.75 3.05
N LEU A 15 12.67 -15.41 2.01
CA LEU A 15 11.23 -15.29 2.09
C LEU A 15 10.62 -16.63 1.68
N TRP A 16 9.69 -17.12 2.50
CA TRP A 16 8.95 -18.34 2.21
C TRP A 16 7.47 -18.00 2.11
N TYR A 17 6.72 -18.86 1.41
CA TYR A 17 5.29 -18.74 1.27
C TYR A 17 4.64 -20.08 1.60
N THR A 18 3.57 -20.05 2.41
CA THR A 18 2.63 -21.16 2.51
C THR A 18 1.40 -20.83 1.69
N LYS A 19 1.13 -21.64 0.69
CA LYS A 19 -0.04 -21.50 -0.17
C LYS A 19 -1.27 -22.06 0.53
N PRO A 20 -2.46 -21.53 0.22
CA PRO A 20 -3.69 -22.19 0.63
C PRO A 20 -3.90 -23.43 -0.23
N ALA A 21 -4.49 -24.45 0.38
CA ALA A 21 -4.80 -25.68 -0.34
C ALA A 21 -5.90 -25.46 -1.38
N VAL A 22 -5.71 -26.03 -2.57
CA VAL A 22 -6.78 -26.06 -3.56
C VAL A 22 -7.42 -27.42 -3.66
N ASP A 23 -6.79 -28.46 -3.12
CA ASP A 23 -7.28 -29.82 -3.23
C ASP A 23 -7.16 -30.47 -1.86
N LYS A 24 -8.13 -31.34 -1.53
CA LYS A 24 -8.12 -32.01 -0.24
C LYS A 24 -6.87 -32.85 -0.01
N SER A 25 -6.07 -33.12 -1.04
CA SER A 25 -4.95 -34.04 -0.94
C SER A 25 -3.60 -33.36 -0.73
N GLU A 26 -3.55 -32.03 -0.58
CA GLU A 26 -2.27 -31.33 -0.43
C GLU A 26 -1.85 -31.28 1.04
N SER A 27 -0.60 -31.66 1.31
CA SER A 27 -0.03 -31.65 2.65
C SER A 27 0.72 -30.34 2.92
N TRP A 28 1.12 -30.14 4.19
CA TRP A 28 1.87 -28.95 4.55
C TRP A 28 3.13 -28.82 3.72
N SER A 29 3.90 -29.92 3.59
CA SER A 29 5.15 -29.86 2.85
C SER A 29 4.91 -29.45 1.41
N ASP A 30 3.80 -29.91 0.81
CA ASP A 30 3.44 -29.46 -0.53
C ASP A 30 3.11 -27.98 -0.58
N LEU A 31 2.68 -27.40 0.53
CA LEU A 31 2.16 -26.04 0.51
C LEU A 31 3.21 -24.98 0.87
N LEU A 32 4.35 -25.37 1.40
CA LEU A 32 5.41 -24.43 1.79
C LEU A 32 6.60 -24.53 0.82
N ARG A 33 7.07 -23.39 0.32
CA ARG A 33 8.35 -23.36 -0.37
C ARG A 33 9.10 -22.08 -0.04
N PRO A 34 10.44 -22.12 -0.07
CA PRO A 34 11.20 -20.88 -0.03
C PRO A 34 11.14 -20.22 -1.40
N VAL A 35 11.00 -18.90 -1.40
CA VAL A 35 10.77 -18.15 -2.63
C VAL A 35 12.03 -17.46 -3.12
N THR A 36 12.67 -16.68 -2.27
CA THR A 36 13.79 -15.87 -2.72
C THR A 36 14.67 -15.52 -1.53
N SER A 37 15.97 -15.37 -1.78
CA SER A 37 16.95 -15.04 -0.74
C SER A 37 17.63 -13.71 -1.08
N PHE A 38 17.99 -12.95 -0.04
CA PHE A 38 18.52 -11.62 -0.27
C PHE A 38 19.42 -11.20 0.89
N GLN A 39 20.40 -10.33 0.58
CA GLN A 39 21.24 -9.81 1.65
C GLN A 39 21.58 -8.32 1.49
N THR A 40 20.78 -7.56 0.74
CA THR A 40 20.93 -6.10 0.71
C THR A 40 19.58 -5.44 0.89
N VAL A 41 19.62 -4.19 1.34
CA VAL A 41 18.41 -3.40 1.51
C VAL A 41 17.68 -3.25 0.17
N GLU A 42 18.44 -3.04 -0.90
CA GLU A 42 17.82 -2.76 -2.19
C GLU A 42 17.12 -4.00 -2.74
N GLU A 43 17.74 -5.18 -2.59
CA GLU A 43 17.08 -6.42 -3.00
C GLU A 43 15.80 -6.65 -2.22
N PHE A 44 15.83 -6.38 -0.91
CA PHE A 44 14.62 -6.48 -0.10
C PHE A 44 13.49 -5.64 -0.69
N TRP A 45 13.75 -4.37 -0.97
CA TRP A 45 12.70 -3.50 -1.48
C TRP A 45 12.14 -4.03 -2.81
N ALA A 46 13.02 -4.49 -3.69
CA ALA A 46 12.58 -4.99 -4.99
C ALA A 46 11.68 -6.20 -4.83
N ILE A 47 11.97 -7.06 -3.86
CA ILE A 47 11.12 -8.22 -3.59
C ILE A 47 9.76 -7.76 -3.06
N ILE A 48 9.78 -6.90 -2.06
CA ILE A 48 8.53 -6.47 -1.40
C ILE A 48 7.62 -5.77 -2.39
N GLN A 49 8.18 -5.02 -3.33
CA GLN A 49 7.36 -4.30 -4.29
C GLN A 49 6.91 -5.17 -5.45
N ASN A 50 7.32 -6.43 -5.50
CA ASN A 50 6.94 -7.30 -6.60
C ASN A 50 6.31 -8.61 -6.14
N ILE A 51 5.94 -8.72 -4.87
CA ILE A 51 5.13 -9.83 -4.39
C ILE A 51 3.84 -9.24 -3.86
N PRO A 52 2.79 -10.06 -3.75
CA PRO A 52 1.52 -9.53 -3.25
C PRO A 52 1.67 -8.91 -1.86
N GLU A 53 0.97 -7.81 -1.65
CA GLU A 53 0.94 -7.24 -0.31
C GLU A 53 0.04 -8.09 0.57
N PRO A 54 0.23 -8.03 1.90
CA PRO A 54 -0.59 -8.86 2.81
C PRO A 54 -2.08 -8.78 2.58
N HIS A 55 -2.62 -7.58 2.33
CA HIS A 55 -4.05 -7.45 2.16
C HIS A 55 -4.56 -8.21 0.94
N GLU A 56 -3.67 -8.64 0.05
CA GLU A 56 -4.07 -9.42 -1.11
C GLU A 56 -4.13 -10.92 -0.83
N LEU A 57 -3.50 -11.37 0.25
CA LEU A 57 -3.28 -12.79 0.45
C LEU A 57 -4.57 -13.52 0.82
N PRO A 58 -4.72 -14.77 0.40
CA PRO A 58 -5.91 -15.55 0.73
C PRO A 58 -5.84 -16.15 2.13
N LEU A 59 -7.01 -16.55 2.62
CA LEU A 59 -7.07 -17.23 3.91
C LEU A 59 -6.19 -18.48 3.89
N LYS A 60 -5.54 -18.75 5.03
CA LYS A 60 -4.70 -19.92 5.22
C LYS A 60 -3.40 -19.83 4.44
N SER A 61 -2.92 -18.63 4.16
CA SER A 61 -1.60 -18.44 3.61
C SER A 61 -0.70 -17.76 4.64
N ASP A 62 0.61 -17.82 4.40
CA ASP A 62 1.60 -17.29 5.32
C ASP A 62 2.77 -16.74 4.53
N TYR A 63 3.29 -15.59 4.97
CA TYR A 63 4.63 -15.16 4.59
C TYR A 63 5.55 -15.49 5.76
N HIS A 64 6.73 -16.04 5.45
CA HIS A 64 7.78 -16.24 6.44
C HIS A 64 9.07 -15.60 5.94
N VAL A 65 9.72 -14.83 6.80
CA VAL A 65 11.02 -14.25 6.49
C VAL A 65 11.99 -14.68 7.58
N PHE A 66 12.96 -15.51 7.21
CA PHE A 66 13.85 -16.15 8.16
C PHE A 66 15.29 -16.00 7.70
N ARG A 67 16.20 -16.00 8.66
CA ARG A 67 17.61 -16.07 8.32
C ARG A 67 17.85 -17.25 7.38
N ASN A 68 18.81 -17.11 6.46
CA ASN A 68 18.90 -18.03 5.33
C ASN A 68 19.23 -19.45 5.75
N ASP A 69 19.75 -19.66 6.97
CA ASP A 69 20.10 -21.00 7.42
C ASP A 69 19.12 -21.55 8.45
N VAL A 70 17.92 -20.96 8.54
CA VAL A 70 16.87 -21.45 9.44
C VAL A 70 15.61 -21.67 8.62
N ARG A 71 15.03 -22.87 8.71
CA ARG A 71 13.74 -23.14 8.11
C ARG A 71 12.64 -22.59 9.02
N PRO A 72 11.48 -22.16 8.45
CA PRO A 72 10.41 -21.60 9.27
C PRO A 72 9.54 -22.68 9.91
N GLU A 73 10.19 -23.66 10.52
CA GLU A 73 9.57 -24.83 11.10
C GLU A 73 10.13 -24.98 12.50
N TRP A 74 9.26 -25.23 13.48
CA TRP A 74 9.79 -25.28 14.82
C TRP A 74 10.74 -26.46 15.02
N GLU A 75 10.67 -27.48 14.16
CA GLU A 75 11.61 -28.60 14.24
C GLU A 75 13.05 -28.17 13.98
N ASP A 76 13.25 -27.09 13.23
CA ASP A 76 14.61 -26.64 12.95
C ASP A 76 15.37 -26.48 14.27
N GLU A 77 16.62 -26.93 14.26
CA GLU A 77 17.45 -26.90 15.47
C GLU A 77 17.51 -25.50 16.06
N ALA A 78 17.56 -24.48 15.22
CA ALA A 78 17.65 -23.10 15.66
C ALA A 78 16.38 -22.62 16.35
N ASN A 79 15.23 -23.27 16.10
CA ASN A 79 13.95 -22.87 16.67
C ASN A 79 13.51 -23.76 17.81
N ALA A 80 13.94 -25.02 17.84
CA ALA A 80 13.25 -26.04 18.64
C ALA A 80 13.29 -25.73 20.14
N LYS A 81 14.35 -25.08 20.62
CA LYS A 81 14.41 -24.70 22.03
C LYS A 81 13.84 -23.31 22.29
N GLY A 82 13.18 -22.70 21.31
CA GLY A 82 12.70 -21.34 21.47
C GLY A 82 11.19 -21.21 21.44
N GLY A 83 10.70 -20.13 20.86
CA GLY A 83 9.28 -19.90 20.79
C GLY A 83 8.99 -18.72 19.90
N LYS A 84 7.80 -18.14 20.10
CA LYS A 84 7.45 -16.95 19.31
C LYS A 84 6.62 -15.97 20.13
N TRP A 85 6.93 -14.68 19.95
CA TRP A 85 6.03 -13.62 20.34
C TRP A 85 4.94 -13.50 19.28
N SER A 86 3.68 -13.58 19.70
CA SER A 86 2.55 -13.62 18.78
C SER A 86 1.62 -12.45 19.03
N PHE A 87 1.09 -11.89 17.94
CA PHE A 87 0.09 -10.84 18.02
C PHE A 87 -1.00 -11.12 17.02
N GLN A 88 -2.25 -11.12 17.47
CA GLN A 88 -3.38 -11.34 16.59
C GLN A 88 -4.15 -10.04 16.39
N LEU A 89 -4.45 -9.72 15.13
CA LEU A 89 -5.22 -8.54 14.77
C LEU A 89 -6.70 -8.90 14.70
N ARG A 90 -7.35 -8.87 15.85
CA ARG A 90 -8.80 -9.02 15.88
C ARG A 90 -9.41 -7.78 15.24
N GLY A 91 -9.75 -7.90 13.96
CA GLY A 91 -10.27 -6.79 13.18
C GLY A 91 -9.46 -6.60 11.91
N LYS A 92 -10.16 -6.18 10.85
CA LYS A 92 -9.52 -5.86 9.57
C LYS A 92 -9.26 -4.37 9.42
N GLY A 93 -9.40 -3.61 10.50
CA GLY A 93 -9.27 -2.17 10.42
C GLY A 93 -7.85 -1.69 10.50
N ALA A 94 -6.96 -2.52 11.02
CA ALA A 94 -5.55 -2.18 11.03
C ALA A 94 -4.99 -2.25 9.63
N ASP A 95 -3.95 -1.44 9.39
CA ASP A 95 -3.26 -1.43 8.11
C ASP A 95 -2.24 -2.56 8.14
N ILE A 96 -2.66 -3.77 7.76
CA ILE A 96 -1.79 -4.93 7.89
C ILE A 96 -0.56 -4.80 7.00
N ASP A 97 -0.69 -4.14 5.84
CA ASP A 97 0.48 -3.94 4.98
C ASP A 97 1.57 -3.16 5.72
N GLU A 98 1.21 -2.06 6.39
CA GLU A 98 2.26 -1.25 7.02
C GLU A 98 2.78 -1.92 8.29
N LEU A 99 1.91 -2.56 9.06
CA LEU A 99 2.37 -3.31 10.23
C LEU A 99 3.38 -4.38 9.85
N TRP A 100 3.09 -5.12 8.78
CA TRP A 100 4.00 -6.15 8.31
C TRP A 100 5.31 -5.55 7.83
N LEU A 101 5.23 -4.47 7.06
CA LEU A 101 6.44 -3.83 6.55
C LEU A 101 7.30 -3.32 7.70
N ARG A 102 6.69 -2.64 8.66
CA ARG A 102 7.44 -2.15 9.81
C ARG A 102 8.13 -3.30 10.53
N THR A 103 7.41 -4.41 10.72
CA THR A 103 8.00 -5.59 11.34
C THR A 103 9.21 -6.09 10.54
N LEU A 104 9.07 -6.19 9.22
CA LEU A 104 10.17 -6.65 8.38
C LEU A 104 11.36 -5.70 8.49
N LEU A 105 11.13 -4.40 8.42
CA LEU A 105 12.24 -3.45 8.52
C LEU A 105 12.97 -3.61 9.84
N ALA A 106 12.20 -3.79 10.92
CA ALA A 106 12.82 -3.95 12.24
C ALA A 106 13.65 -5.22 12.30
N VAL A 107 13.22 -6.27 11.61
CA VAL A 107 13.90 -7.56 11.66
C VAL A 107 15.17 -7.53 10.83
N ILE A 108 15.06 -7.20 9.54
CA ILE A 108 16.26 -7.19 8.71
C ILE A 108 17.19 -6.05 9.13
N GLY A 109 16.68 -5.00 9.75
CA GLY A 109 17.49 -3.91 10.27
C GLY A 109 18.19 -4.20 11.58
N GLU A 110 17.91 -5.35 12.20
CA GLU A 110 18.55 -5.77 13.44
C GLU A 110 18.30 -4.79 14.58
N THR A 111 17.20 -4.04 14.54
CA THR A 111 17.00 -2.99 15.55
C THR A 111 16.48 -3.55 16.86
N ILE A 112 15.55 -4.52 16.81
CA ILE A 112 14.92 -5.00 18.04
C ILE A 112 15.50 -6.33 18.52
N ASP A 113 16.33 -6.98 17.71
CA ASP A 113 17.03 -8.18 18.15
C ASP A 113 18.07 -7.84 19.22
N GLU A 114 18.40 -8.84 20.03
CA GLU A 114 19.54 -8.71 20.91
C GLU A 114 20.82 -8.69 20.08
N ASP A 115 21.84 -8.01 20.62
CA ASP A 115 23.17 -8.00 20.03
C ASP A 115 23.64 -9.43 19.77
N ASP A 116 23.62 -10.27 20.81
CA ASP A 116 23.73 -11.72 20.66
C ASP A 116 22.39 -12.25 20.15
N SER A 117 22.31 -12.57 18.85
CA SER A 117 21.03 -12.68 18.16
C SER A 117 20.14 -13.76 18.77
N GLN A 118 18.86 -13.41 18.93
CA GLN A 118 17.80 -14.35 19.28
C GLN A 118 16.77 -14.53 18.18
N ILE A 119 16.57 -13.52 17.34
CA ILE A 119 15.49 -13.55 16.35
C ILE A 119 15.95 -14.40 15.17
N ASN A 120 15.17 -15.43 14.84
CA ASN A 120 15.43 -16.25 13.66
C ASN A 120 14.60 -15.85 12.45
N GLY A 121 13.43 -15.26 12.67
CA GLY A 121 12.56 -14.94 11.57
C GLY A 121 11.23 -14.43 12.08
N VAL A 122 10.36 -14.12 11.12
CA VAL A 122 9.05 -13.57 11.44
C VAL A 122 8.05 -14.13 10.45
N VAL A 123 6.80 -14.30 10.90
CA VAL A 123 5.76 -14.98 10.14
C VAL A 123 4.49 -14.13 10.15
N LEU A 124 3.92 -13.93 8.97
CA LEU A 124 2.59 -13.35 8.80
C LEU A 124 1.62 -14.46 8.43
N SER A 125 0.55 -14.62 9.20
CA SER A 125 -0.43 -15.68 8.96
C SER A 125 -1.79 -15.04 8.69
N ILE A 126 -2.35 -15.34 7.52
CA ILE A 126 -3.69 -14.87 7.15
C ILE A 126 -4.69 -15.91 7.62
N ARG A 127 -5.58 -15.51 8.54
CA ARG A 127 -6.49 -16.45 9.16
C ARG A 127 -7.88 -15.83 9.34
N LYS A 128 -8.91 -16.67 9.19
CA LYS A 128 -10.29 -16.22 9.35
C LYS A 128 -10.51 -15.53 10.68
N GLY A 129 -10.11 -16.17 11.77
CA GLY A 129 -10.33 -15.59 13.09
C GLY A 129 -9.66 -14.25 13.31
N GLY A 130 -8.77 -13.86 12.40
CA GLY A 130 -7.95 -12.68 12.59
C GLY A 130 -6.52 -12.99 12.18
N ASN A 131 -5.84 -12.04 11.58
CA ASN A 131 -4.49 -12.29 11.12
C ASN A 131 -3.51 -12.17 12.27
N LYS A 132 -2.38 -12.87 12.14
CA LYS A 132 -1.39 -12.98 13.20
C LYS A 132 -0.02 -12.57 12.70
N PHE A 133 0.75 -11.95 13.58
CA PHE A 133 2.18 -11.74 13.41
C PHE A 133 2.91 -12.55 14.47
N ALA A 134 3.97 -13.26 14.07
CA ALA A 134 4.74 -14.07 15.00
C ALA A 134 6.23 -13.79 14.80
N LEU A 135 6.93 -13.56 15.91
CA LEU A 135 8.36 -13.26 15.90
C LEU A 135 9.08 -14.41 16.60
N TRP A 136 9.87 -15.16 15.83
CA TRP A 136 10.42 -16.43 16.28
C TRP A 136 11.80 -16.27 16.90
N THR A 137 11.97 -16.74 18.13
CA THR A 137 13.21 -16.60 18.88
C THR A 137 13.89 -17.96 19.04
N ALA A 138 15.21 -17.93 19.17
CA ALA A 138 15.98 -19.17 19.28
C ALA A 138 15.89 -19.79 20.66
N SER A 139 15.63 -19.00 21.70
CA SER A 139 15.64 -19.49 23.06
C SER A 139 14.43 -18.97 23.83
N GLU A 140 14.35 -19.37 25.10
CA GLU A 140 13.38 -18.85 26.05
C GLU A 140 14.02 -17.98 27.14
N ASP A 141 15.23 -17.47 26.90
CA ASP A 141 15.87 -16.60 27.88
C ASP A 141 14.95 -15.43 28.19
N LYS A 142 14.48 -15.36 29.44
CA LYS A 142 13.37 -14.47 29.77
C LYS A 142 13.73 -13.01 29.56
N GLU A 143 14.85 -12.56 30.13
CA GLU A 143 15.20 -11.15 30.02
C GLU A 143 15.40 -10.72 28.57
N PRO A 144 16.17 -11.43 27.75
CA PRO A 144 16.22 -11.05 26.33
C PRO A 144 14.87 -11.10 25.65
N LEU A 145 14.01 -12.05 26.02
CA LEU A 145 12.69 -12.10 25.41
C LEU A 145 11.84 -10.88 25.77
N LEU A 146 11.97 -10.40 27.00
CA LEU A 146 11.21 -9.23 27.42
C LEU A 146 11.61 -7.99 26.64
N ARG A 147 12.91 -7.80 26.41
CA ARG A 147 13.37 -6.63 25.65
C ARG A 147 12.91 -6.71 24.20
N ILE A 148 13.01 -7.89 23.60
CA ILE A 148 12.53 -8.07 22.23
C ILE A 148 11.03 -7.84 22.16
N GLY A 149 10.29 -8.36 23.13
CA GLY A 149 8.85 -8.23 23.10
C GLY A 149 8.40 -6.78 23.23
N GLY A 150 9.01 -6.04 24.16
CA GLY A 150 8.67 -4.63 24.31
C GLY A 150 8.93 -3.84 23.05
N LYS A 151 10.10 -4.05 22.44
CA LYS A 151 10.41 -3.36 21.20
C LYS A 151 9.47 -3.79 20.07
N PHE A 152 9.14 -5.09 20.01
CA PHE A 152 8.16 -5.55 19.03
C PHE A 152 6.83 -4.82 19.23
N LYS A 153 6.41 -4.64 20.48
CA LYS A 153 5.19 -3.90 20.75
C LYS A 153 5.26 -2.49 20.18
N GLN A 154 6.42 -1.83 20.34
CA GLN A 154 6.55 -0.46 19.84
C GLN A 154 6.54 -0.45 18.32
N VAL A 155 7.20 -1.42 17.69
CA VAL A 155 7.19 -1.54 16.23
C VAL A 155 5.76 -1.67 15.73
N LEU A 156 4.94 -2.44 16.43
CA LEU A 156 3.55 -2.67 16.03
C LEU A 156 2.60 -1.56 16.50
N ALA A 157 3.07 -0.66 17.36
CA ALA A 157 2.30 0.51 17.77
C ALA A 157 1.06 0.12 18.58
N LEU A 158 1.21 -0.85 19.48
CA LEU A 158 0.12 -1.23 20.36
C LEU A 158 0.09 -0.36 21.60
N THR A 159 -1.13 -0.18 22.12
CA THR A 159 -1.36 0.40 23.43
C THR A 159 -1.41 -0.72 24.47
N ASP A 160 -1.24 -0.33 25.74
CA ASP A 160 -1.22 -1.30 26.83
C ASP A 160 -2.31 -2.35 26.67
N ASP A 161 -3.48 -1.94 26.17
CA ASP A 161 -4.59 -2.88 26.02
C ASP A 161 -4.30 -3.94 24.96
N GLY A 162 -3.55 -3.59 23.91
CA GLY A 162 -3.12 -4.60 22.96
C GLY A 162 -2.00 -5.46 23.55
N HIS A 163 -2.06 -6.76 23.28
CA HIS A 163 -1.29 -7.73 24.03
C HIS A 163 -0.45 -8.62 23.12
N LEU A 164 0.84 -8.72 23.45
CA LEU A 164 1.71 -9.73 22.86
C LEU A 164 1.81 -10.91 23.82
N GLU A 165 1.77 -12.10 23.25
CA GLU A 165 1.90 -13.34 24.01
C GLU A 165 3.08 -14.12 23.47
N PHE A 166 3.92 -14.60 24.36
CA PHE A 166 5.03 -15.47 23.97
C PHE A 166 4.63 -16.92 24.19
N PHE A 167 4.75 -17.72 23.13
CA PHE A 167 4.42 -19.15 23.17
C PHE A 167 5.69 -19.96 22.97
N PRO A 168 6.18 -20.68 23.98
CA PRO A 168 7.25 -21.64 23.71
C PRO A 168 6.77 -22.67 22.70
N HIS A 169 7.62 -23.01 21.73
CA HIS A 169 7.20 -23.95 20.70
C HIS A 169 6.71 -25.25 21.31
N SER A 170 7.38 -25.73 22.36
CA SER A 170 6.89 -26.90 23.09
C SER A 170 5.61 -26.54 23.83
N SER A 171 4.61 -26.05 23.10
CA SER A 171 3.34 -25.59 23.68
C SER A 171 3.50 -24.97 25.07
N PRO A 177 -1.64 -25.29 25.01
CA PRO A 177 -1.02 -24.19 24.28
C PRO A 177 -1.32 -22.82 24.91
N GLN A 178 -0.72 -22.57 26.09
CA GLN A 178 -0.87 -21.31 26.80
C GLN A 178 0.41 -20.48 26.70
N PRO A 179 0.30 -19.17 26.77
CA PRO A 179 1.50 -18.32 26.72
C PRO A 179 2.22 -18.26 28.05
N SER A 180 3.54 -18.21 28.00
CA SER A 180 4.36 -18.11 29.20
C SER A 180 4.72 -16.68 29.57
N ILE A 181 4.56 -15.73 28.64
CA ILE A 181 4.73 -14.31 28.93
C ILE A 181 3.65 -13.54 28.17
N THR A 182 3.12 -12.51 28.79
CA THR A 182 2.13 -11.65 28.16
C THR A 182 2.55 -10.19 28.37
N LEU A 183 2.55 -9.42 27.30
CA LEU A 183 2.87 -7.99 27.39
C LEU A 183 1.76 -7.14 26.78
N THR B 5 5.76 7.74 10.94
CA THR B 5 7.04 8.22 11.44
C THR B 5 6.97 8.57 12.94
N ASP B 6 6.49 7.61 13.72
CA ASP B 6 6.51 7.72 15.18
C ASP B 6 7.92 7.47 15.69
N PRO B 7 8.18 7.72 16.97
CA PRO B 7 9.57 7.66 17.46
C PRO B 7 10.29 6.36 17.16
N ILE B 8 9.61 5.21 17.28
CA ILE B 8 10.32 3.96 17.09
C ILE B 8 10.99 3.89 15.72
N THR B 9 10.50 4.67 14.75
CA THR B 9 11.03 4.56 13.39
C THR B 9 12.44 5.13 13.28
N ASN B 10 12.90 5.90 14.26
CA ASN B 10 14.27 6.36 14.29
C ASN B 10 15.13 5.58 15.27
N TYR B 11 14.54 4.63 16.01
CA TYR B 11 15.29 3.87 16.99
C TYR B 11 16.24 2.90 16.31
N LYS B 12 17.46 2.83 16.84
CA LYS B 12 18.29 1.68 16.51
C LYS B 12 19.32 1.53 17.60
N PRO B 13 19.65 0.31 18.02
CA PRO B 13 20.66 0.16 19.06
C PRO B 13 22.02 0.63 18.55
N MET B 14 22.82 1.17 19.47
CA MET B 14 24.15 1.66 19.15
C MET B 14 25.20 0.78 19.80
N ASP B 15 26.43 0.88 19.28
CA ASP B 15 27.58 0.19 19.84
C ASP B 15 27.35 -1.32 19.92
N LEU B 16 26.77 -1.89 18.86
CA LEU B 16 26.63 -3.34 18.80
C LEU B 16 28.00 -3.99 18.75
N GLN B 17 28.18 -5.06 19.53
CA GLN B 17 29.45 -5.77 19.61
C GLN B 17 29.57 -6.89 18.59
N TYR B 18 28.47 -7.58 18.31
CA TYR B 18 28.51 -8.81 17.54
C TYR B 18 27.82 -8.69 16.18
N LYS B 19 27.48 -7.47 15.78
CA LYS B 19 26.86 -7.24 14.49
C LYS B 19 27.49 -6.01 13.86
N THR B 20 27.50 -5.98 12.54
CA THR B 20 28.08 -4.87 11.78
C THR B 20 27.03 -3.93 11.23
N TYR B 21 25.95 -4.47 10.66
CA TYR B 21 24.99 -3.69 9.89
C TYR B 21 23.67 -3.65 10.65
N ALA B 22 23.28 -2.45 11.09
CA ALA B 22 21.98 -2.20 11.70
C ALA B 22 21.42 -0.92 11.11
N TYR B 23 20.10 -0.90 10.91
CA TYR B 23 19.43 0.22 10.28
C TYR B 23 18.15 0.54 11.03
N SER B 24 17.90 1.83 11.27
CA SER B 24 16.56 2.19 11.72
C SER B 24 15.57 2.06 10.57
N MET B 25 14.29 2.02 10.92
CA MET B 25 13.26 1.92 9.89
C MET B 25 13.33 3.12 8.93
N ASN B 26 13.58 4.31 9.45
CA ASN B 26 13.64 5.47 8.54
C ASN B 26 14.84 5.41 7.62
N GLU B 27 15.97 4.86 8.07
CA GLU B 27 17.11 4.69 7.18
C GLU B 27 16.76 3.72 6.04
N LEU B 28 16.04 2.65 6.36
CA LEU B 28 15.62 1.72 5.33
C LEU B 28 14.59 2.35 4.40
N TYR B 29 13.65 3.12 4.96
CA TYR B 29 12.69 3.84 4.11
C TYR B 29 13.42 4.75 3.13
N HIS B 30 14.45 5.44 3.61
CA HIS B 30 15.18 6.38 2.77
C HIS B 30 15.79 5.69 1.55
N LEU B 31 16.04 4.39 1.63
CA LEU B 31 16.66 3.65 0.53
C LEU B 31 15.65 2.99 -0.39
N LYS B 32 14.36 3.05 -0.06
CA LYS B 32 13.29 2.56 -0.92
C LYS B 32 13.37 3.23 -2.29
N PRO B 33 12.97 2.55 -3.37
CA PRO B 33 12.87 3.24 -4.66
C PRO B 33 12.05 4.51 -4.55
N SER B 34 12.54 5.59 -5.16
CA SER B 34 11.86 6.87 -5.09
C SER B 34 10.96 7.05 -6.31
N LEU B 35 9.98 7.96 -6.16
CA LEU B 35 9.13 8.32 -7.27
C LEU B 35 9.95 8.80 -8.46
N ALA B 36 9.61 8.31 -9.64
CA ALA B 36 10.21 8.75 -10.89
C ALA B 36 11.73 8.70 -10.81
N SER B 37 12.25 7.50 -10.57
CA SER B 37 13.68 7.26 -10.62
C SER B 37 13.90 5.83 -11.09
N ALA B 38 14.75 5.66 -12.09
CA ALA B 38 14.97 4.36 -12.72
C ALA B 38 16.21 3.65 -12.19
N SER B 39 16.77 4.12 -11.07
CA SER B 39 17.96 3.47 -10.51
C SER B 39 17.69 1.99 -10.24
N TYR B 40 16.56 1.67 -9.61
CA TYR B 40 16.22 0.27 -9.38
C TYR B 40 15.92 -0.45 -10.69
N GLU B 41 15.18 0.21 -11.59
CA GLU B 41 14.75 -0.44 -12.82
C GLU B 41 15.93 -0.80 -13.71
N GLU B 42 16.99 0.02 -13.68
CA GLU B 42 18.13 -0.16 -14.56
C GLU B 42 19.23 -1.01 -13.95
N ASP B 43 19.09 -1.38 -12.68
CA ASP B 43 20.07 -2.22 -12.02
C ASP B 43 19.90 -3.66 -12.48
N PRO B 44 20.89 -4.26 -13.14
CA PRO B 44 20.66 -5.60 -13.72
C PRO B 44 20.53 -6.70 -12.68
N LEU B 45 21.13 -6.55 -11.50
CA LEU B 45 20.89 -7.52 -10.45
C LEU B 45 19.45 -7.45 -9.96
N ILE B 46 18.95 -6.24 -9.71
CA ILE B 46 17.56 -6.08 -9.30
C ILE B 46 16.62 -6.66 -10.35
N SER B 47 16.87 -6.32 -11.63
CA SER B 47 16.00 -6.80 -12.70
C SER B 47 15.95 -8.32 -12.72
N GLU B 48 17.12 -8.97 -12.62
CA GLU B 48 17.17 -10.42 -12.65
C GLU B 48 16.50 -11.03 -11.43
N LEU B 49 16.67 -10.42 -10.26
CA LEU B 49 16.03 -10.94 -9.05
C LEU B 49 14.51 -10.90 -9.18
N VAL B 50 13.97 -9.79 -9.68
CA VAL B 50 12.52 -9.69 -9.86
C VAL B 50 12.04 -10.71 -10.89
N ARG B 51 12.80 -10.92 -11.96
CA ARG B 51 12.42 -11.92 -12.95
C ARG B 51 12.43 -13.33 -12.38
N SER B 52 13.16 -13.57 -11.29
CA SER B 52 13.23 -14.90 -10.70
C SER B 52 12.07 -15.21 -9.77
N LEU B 53 11.20 -14.24 -9.51
CA LEU B 53 10.06 -14.44 -8.64
C LEU B 53 8.98 -15.26 -9.34
N PRO B 54 8.09 -15.91 -8.58
CA PRO B 54 7.04 -16.73 -9.19
C PRO B 54 6.08 -15.90 -10.01
N LYS B 55 5.42 -16.57 -10.95
CA LYS B 55 4.30 -16.00 -11.68
C LYS B 55 3.12 -15.76 -10.74
N ARG B 56 2.16 -14.96 -11.21
CA ARG B 56 1.06 -14.53 -10.35
C ARG B 56 0.22 -15.70 -9.86
N LYS B 57 -0.01 -16.70 -10.72
CA LYS B 57 -0.83 -17.85 -10.38
C LYS B 57 -0.29 -18.59 -9.17
N PHE B 58 1.03 -18.57 -8.96
CA PHE B 58 1.62 -19.32 -7.86
C PHE B 58 0.97 -18.99 -6.52
N TRP B 59 0.69 -17.71 -6.27
CA TRP B 59 0.26 -17.25 -4.95
C TRP B 59 -1.16 -17.69 -4.60
N ARG B 60 -1.92 -18.18 -5.58
CA ARG B 60 -3.28 -18.65 -5.38
C ARG B 60 -4.17 -17.59 -4.73
N LEU B 61 -3.99 -16.33 -5.18
CA LEU B 61 -4.84 -15.25 -4.67
C LEU B 61 -6.31 -15.53 -4.93
N ARG B 62 -6.63 -16.26 -5.99
CA ARG B 62 -8.02 -16.59 -6.32
C ARG B 62 -8.75 -17.29 -5.18
N MET B 63 -8.03 -17.91 -4.24
CA MET B 63 -8.69 -18.66 -3.17
C MET B 63 -9.33 -17.76 -2.13
N GLY B 64 -9.03 -16.47 -2.12
CA GLY B 64 -9.71 -15.52 -1.26
C GLY B 64 -9.48 -15.71 0.22
N VAL C 5 -13.00 11.52 16.32
CA VAL C 5 -13.92 12.52 15.80
C VAL C 5 -14.07 12.34 14.29
N LYS C 6 -14.61 13.37 13.63
CA LYS C 6 -14.82 13.34 12.19
C LYS C 6 -14.32 14.66 11.59
N HIS C 7 -13.72 14.56 10.40
CA HIS C 7 -13.22 15.72 9.68
C HIS C 7 -13.94 15.79 8.34
N PRO C 8 -14.89 16.70 8.17
CA PRO C 8 -15.71 16.69 6.95
C PRO C 8 -14.92 17.08 5.72
N LEU C 9 -15.34 16.54 4.58
CA LEU C 9 -14.86 17.01 3.30
C LEU C 9 -15.76 18.13 2.79
N ASN C 10 -15.25 18.88 1.83
CA ASN C 10 -16.00 20.03 1.30
C ASN C 10 -17.24 19.57 0.54
N THR C 11 -17.18 18.43 -0.14
CA THR C 11 -18.38 17.79 -0.66
C THR C 11 -18.25 16.30 -0.39
N ALA C 12 -19.36 15.60 -0.61
CA ALA C 12 -19.31 14.15 -0.71
C ALA C 12 -18.74 13.75 -2.07
N TRP C 13 -18.13 12.56 -2.11
CA TRP C 13 -17.58 12.01 -3.31
C TRP C 13 -18.07 10.58 -3.48
N THR C 14 -18.12 10.12 -4.73
CA THR C 14 -18.46 8.75 -5.05
C THR C 14 -17.31 8.11 -5.81
N LEU C 15 -16.94 6.92 -5.37
CA LEU C 15 -15.99 6.07 -6.09
C LEU C 15 -16.76 5.17 -7.05
N TRP C 16 -16.32 5.15 -8.32
CA TRP C 16 -16.86 4.26 -9.33
C TRP C 16 -15.76 3.35 -9.86
N TYR C 17 -16.17 2.21 -10.42
CA TYR C 17 -15.26 1.28 -11.05
C TYR C 17 -15.80 0.86 -12.40
N THR C 18 -14.93 0.84 -13.41
CA THR C 18 -15.24 0.21 -14.70
C THR C 18 -14.56 -1.15 -14.74
N LYS C 19 -15.38 -2.21 -14.85
CA LYS C 19 -14.85 -3.57 -14.93
C LYS C 19 -14.27 -3.86 -16.31
N PRO C 20 -13.30 -4.76 -16.40
CA PRO C 20 -12.92 -5.29 -17.72
C PRO C 20 -14.01 -6.22 -18.23
N ALA C 21 -14.29 -6.13 -19.52
CA ALA C 21 -15.26 -7.04 -20.13
C ALA C 21 -14.70 -8.45 -20.15
N VAL C 22 -15.59 -9.42 -19.97
CA VAL C 22 -15.24 -10.84 -20.07
C VAL C 22 -15.52 -11.37 -21.47
N ASP C 23 -16.75 -11.20 -21.95
CA ASP C 23 -17.14 -11.64 -23.27
C ASP C 23 -17.12 -10.47 -24.24
N LYS C 24 -17.40 -10.76 -25.51
CA LYS C 24 -17.67 -9.70 -26.47
C LYS C 24 -19.02 -9.05 -26.23
N SER C 25 -19.87 -9.67 -25.41
CA SER C 25 -21.23 -9.21 -25.19
C SER C 25 -21.35 -8.11 -24.15
N GLU C 26 -20.27 -7.74 -23.46
CA GLU C 26 -20.30 -6.70 -22.46
C GLU C 26 -19.76 -5.41 -23.07
N SER C 27 -20.58 -4.36 -23.06
CA SER C 27 -20.18 -3.04 -23.53
C SER C 27 -20.06 -2.09 -22.35
N TRP C 28 -19.32 -0.99 -22.57
CA TRP C 28 -18.94 -0.09 -21.48
C TRP C 28 -20.13 0.32 -20.63
N SER C 29 -21.33 0.38 -21.21
CA SER C 29 -22.50 0.64 -20.39
C SER C 29 -22.68 -0.41 -19.30
N ASP C 30 -22.26 -1.65 -19.58
CA ASP C 30 -22.40 -2.71 -18.59
C ASP C 30 -21.39 -2.59 -17.46
N LEU C 31 -20.21 -2.05 -17.73
CA LEU C 31 -19.08 -2.23 -16.81
C LEU C 31 -18.89 -1.08 -15.82
N LEU C 32 -19.54 0.06 -16.01
CA LEU C 32 -19.40 1.16 -15.05
C LEU C 32 -20.36 0.94 -13.88
N ARG C 33 -19.81 0.98 -12.67
CA ARG C 33 -20.58 0.70 -11.48
C ARG C 33 -20.17 1.66 -10.38
N PRO C 34 -21.13 2.32 -9.73
CA PRO C 34 -20.79 3.07 -8.51
C PRO C 34 -20.50 2.11 -7.36
N VAL C 35 -19.43 2.40 -6.62
CA VAL C 35 -18.99 1.52 -5.54
C VAL C 35 -19.49 2.01 -4.20
N THR C 36 -19.13 3.24 -3.84
CA THR C 36 -19.41 3.75 -2.51
C THR C 36 -19.27 5.27 -2.54
N SER C 37 -19.74 5.92 -1.47
CA SER C 37 -19.56 7.35 -1.33
C SER C 37 -19.11 7.67 0.10
N PHE C 38 -18.44 8.82 0.23
CA PHE C 38 -17.85 9.21 1.49
C PHE C 38 -17.83 10.73 1.56
N GLN C 39 -17.86 11.25 2.79
CA GLN C 39 -17.92 12.69 3.01
C GLN C 39 -17.06 13.15 4.19
N THR C 40 -16.22 12.27 4.73
CA THR C 40 -15.26 12.65 5.75
C THR C 40 -13.91 12.04 5.42
N VAL C 41 -12.86 12.60 6.05
CA VAL C 41 -11.52 12.06 5.88
C VAL C 41 -11.46 10.63 6.34
N GLU C 42 -12.13 10.33 7.46
CA GLU C 42 -12.06 9.00 8.05
C GLU C 42 -12.75 7.97 7.15
N GLU C 43 -13.87 8.33 6.54
CA GLU C 43 -14.51 7.41 5.60
C GLU C 43 -13.62 7.17 4.39
N PHE C 44 -12.94 8.21 3.91
CA PHE C 44 -12.01 8.03 2.80
C PHE C 44 -10.96 6.98 3.13
N TRP C 45 -10.28 7.13 4.27
CA TRP C 45 -9.22 6.20 4.61
C TRP C 45 -9.77 4.78 4.78
N ALA C 46 -10.96 4.66 5.38
CA ALA C 46 -11.56 3.34 5.54
C ALA C 46 -11.78 2.69 4.19
N ILE C 47 -12.20 3.47 3.20
CA ILE C 47 -12.44 2.94 1.86
C ILE C 47 -11.13 2.54 1.20
N ILE C 48 -10.15 3.44 1.21
CA ILE C 48 -8.91 3.21 0.48
C ILE C 48 -8.19 1.98 1.01
N GLN C 49 -8.28 1.72 2.30
CA GLN C 49 -7.61 0.57 2.88
C GLN C 49 -8.35 -0.73 2.62
N ASN C 50 -9.51 -0.68 1.95
CA ASN C 50 -10.34 -1.86 1.76
C ASN C 50 -10.81 -2.00 0.31
N ILE C 51 -10.12 -1.38 -0.64
CA ILE C 51 -10.37 -1.64 -2.05
C ILE C 51 -9.03 -1.92 -2.71
N PRO C 52 -9.02 -2.55 -3.89
CA PRO C 52 -7.74 -2.87 -4.54
C PRO C 52 -6.95 -1.62 -4.87
N GLU C 53 -5.63 -1.73 -4.72
CA GLU C 53 -4.72 -0.69 -5.16
C GLU C 53 -4.51 -0.79 -6.67
N PRO C 54 -4.13 0.33 -7.30
CA PRO C 54 -3.92 0.31 -8.76
C PRO C 54 -3.09 -0.85 -9.29
N HIS C 55 -2.03 -1.26 -8.58
CA HIS C 55 -1.16 -2.31 -9.11
C HIS C 55 -1.87 -3.65 -9.22
N GLU C 56 -3.03 -3.80 -8.58
CA GLU C 56 -3.80 -5.03 -8.63
C GLU C 56 -4.75 -5.10 -9.81
N LEU C 57 -5.06 -3.96 -10.41
CA LEU C 57 -6.19 -3.87 -11.31
C LEU C 57 -5.86 -4.45 -12.68
N PRO C 58 -6.85 -5.03 -13.35
CA PRO C 58 -6.61 -5.61 -14.68
C PRO C 58 -6.65 -4.56 -15.78
N LEU C 59 -6.12 -4.95 -16.93
CA LEU C 59 -6.19 -4.09 -18.10
C LEU C 59 -7.64 -3.77 -18.45
N LYS C 60 -7.87 -2.53 -18.89
CA LYS C 60 -9.16 -2.03 -19.34
C LYS C 60 -10.12 -1.77 -18.20
N SER C 61 -9.61 -1.59 -16.98
CA SER C 61 -10.43 -1.17 -15.85
C SER C 61 -10.11 0.29 -15.52
N ASP C 62 -10.99 0.90 -14.73
CA ASP C 62 -10.87 2.30 -14.38
C ASP C 62 -11.41 2.52 -12.98
N TYR C 63 -10.74 3.39 -12.22
CA TYR C 63 -11.30 4.03 -11.04
C TYR C 63 -11.76 5.44 -11.41
N HIS C 64 -12.89 5.87 -10.87
CA HIS C 64 -13.34 7.24 -11.00
C HIS C 64 -13.80 7.76 -9.63
N VAL C 65 -13.32 8.95 -9.25
CA VAL C 65 -13.76 9.56 -7.99
C VAL C 65 -14.31 10.95 -8.35
N PHE C 66 -15.61 11.11 -8.21
CA PHE C 66 -16.30 12.32 -8.63
C PHE C 66 -17.18 12.82 -7.51
N ARG C 67 -17.43 14.13 -7.53
CA ARG C 67 -18.35 14.70 -6.56
C ARG C 67 -19.71 14.03 -6.69
N ASN C 68 -20.41 13.90 -5.57
CA ASN C 68 -21.73 13.29 -5.59
C ASN C 68 -22.64 14.04 -6.55
N ASP C 69 -23.42 13.29 -7.32
CA ASP C 69 -24.38 13.78 -8.30
C ASP C 69 -23.72 14.18 -9.60
N VAL C 70 -22.42 13.92 -9.75
CA VAL C 70 -21.74 14.03 -11.03
C VAL C 70 -21.35 12.64 -11.47
N ARG C 71 -21.95 12.17 -12.55
CA ARG C 71 -21.52 10.92 -13.14
C ARG C 71 -20.20 11.11 -13.86
N PRO C 72 -19.34 10.07 -13.91
CA PRO C 72 -18.02 10.17 -14.58
C PRO C 72 -18.11 10.06 -16.10
N GLU C 73 -19.00 10.84 -16.68
CA GLU C 73 -19.28 10.80 -18.11
C GLU C 73 -19.33 12.22 -18.62
N TRP C 74 -18.77 12.44 -19.81
CA TRP C 74 -18.67 13.80 -20.29
C TRP C 74 -20.02 14.39 -20.65
N GLU C 75 -21.05 13.56 -20.85
CA GLU C 75 -22.38 14.07 -21.15
C GLU C 75 -23.08 14.68 -19.94
N ASP C 76 -22.68 14.31 -18.72
CA ASP C 76 -23.23 14.93 -17.51
C ASP C 76 -23.13 16.44 -17.59
N GLU C 77 -24.21 17.13 -17.22
CA GLU C 77 -24.24 18.58 -17.36
C GLU C 77 -23.09 19.26 -16.64
N ALA C 78 -22.59 18.64 -15.57
CA ALA C 78 -21.50 19.24 -14.81
C ALA C 78 -20.19 19.19 -15.58
N ASN C 79 -20.03 18.21 -16.48
CA ASN C 79 -18.80 18.01 -17.24
C ASN C 79 -18.88 18.48 -18.68
N ALA C 80 -20.08 18.69 -19.22
CA ALA C 80 -20.26 18.76 -20.66
C ALA C 80 -19.51 19.92 -21.30
N LYS C 81 -19.30 21.00 -20.56
CA LYS C 81 -18.63 22.17 -21.11
C LYS C 81 -17.19 22.27 -20.65
N GLY C 82 -16.63 21.19 -20.12
CA GLY C 82 -15.27 21.19 -19.61
C GLY C 82 -14.34 20.25 -20.34
N GLY C 83 -13.48 19.59 -19.59
CA GLY C 83 -12.41 18.84 -20.20
C GLY C 83 -11.59 18.16 -19.13
N LYS C 84 -10.39 17.71 -19.51
CA LYS C 84 -9.56 16.98 -18.57
C LYS C 84 -8.09 17.31 -18.76
N TRP C 85 -7.39 17.47 -17.65
CA TRP C 85 -5.94 17.41 -17.65
C TRP C 85 -5.53 15.94 -17.68
N SER C 86 -4.70 15.56 -18.65
CA SER C 86 -4.38 14.16 -18.88
C SER C 86 -2.89 13.91 -18.71
N PHE C 87 -2.56 12.78 -18.11
CA PHE C 87 -1.19 12.35 -17.94
C PHE C 87 -1.11 10.86 -18.17
N GLN C 88 -0.18 10.44 -19.03
CA GLN C 88 0.05 9.03 -19.30
C GLN C 88 1.38 8.63 -18.69
N LEU C 89 1.36 7.61 -17.84
CA LEU C 89 2.54 7.17 -17.12
C LEU C 89 3.18 6.08 -17.96
N ARG C 90 4.13 6.48 -18.80
CA ARG C 90 4.78 5.52 -19.68
C ARG C 90 5.78 4.69 -18.89
N GLY C 91 6.19 3.58 -19.49
CA GLY C 91 7.13 2.69 -18.84
C GLY C 91 6.48 1.92 -17.71
N LYS C 92 7.34 1.18 -17.00
CA LYS C 92 6.92 0.31 -15.91
C LYS C 92 5.86 0.97 -15.04
N GLY C 93 6.03 2.26 -14.74
CA GLY C 93 5.08 2.98 -13.92
C GLY C 93 4.84 2.34 -12.56
N ALA C 94 5.89 1.79 -11.95
CA ALA C 94 5.75 1.13 -10.66
C ALA C 94 5.36 2.09 -9.54
N ASP C 95 5.42 3.40 -9.78
CA ASP C 95 4.99 4.39 -8.81
C ASP C 95 3.48 4.56 -8.74
N ILE C 96 2.71 3.70 -9.40
CA ILE C 96 1.32 4.06 -9.70
C ILE C 96 0.51 4.20 -8.41
N ASP C 97 0.73 3.32 -7.44
CA ASP C 97 -0.08 3.36 -6.23
C ASP C 97 0.09 4.69 -5.50
N GLU C 98 1.35 5.10 -5.29
CA GLU C 98 1.61 6.35 -4.57
C GLU C 98 1.12 7.56 -5.36
N LEU C 99 1.28 7.54 -6.69
CA LEU C 99 0.84 8.68 -7.49
C LEU C 99 -0.68 8.81 -7.49
N TRP C 100 -1.39 7.69 -7.50
CA TRP C 100 -2.85 7.72 -7.42
C TRP C 100 -3.31 8.21 -6.06
N LEU C 101 -2.69 7.73 -4.98
CA LEU C 101 -3.07 8.19 -3.66
C LEU C 101 -2.83 9.69 -3.50
N ARG C 102 -1.64 10.17 -3.90
CA ARG C 102 -1.36 11.60 -3.88
C ARG C 102 -2.42 12.38 -4.65
N THR C 103 -2.82 11.89 -5.82
CA THR C 103 -3.85 12.55 -6.60
C THR C 103 -5.18 12.61 -5.84
N LEU C 104 -5.59 11.47 -5.27
CA LEU C 104 -6.84 11.43 -4.52
C LEU C 104 -6.80 12.38 -3.35
N LEU C 105 -5.67 12.45 -2.64
CA LEU C 105 -5.59 13.35 -1.49
C LEU C 105 -5.72 14.80 -1.94
N ALA C 106 -5.01 15.17 -3.00
CA ALA C 106 -5.10 16.54 -3.53
C ALA C 106 -6.52 16.88 -3.94
N VAL C 107 -7.25 15.91 -4.48
CA VAL C 107 -8.58 16.19 -5.00
C VAL C 107 -9.60 16.31 -3.85
N ILE C 108 -9.66 15.33 -2.95
CA ILE C 108 -10.65 15.41 -1.87
C ILE C 108 -10.27 16.48 -0.87
N GLY C 109 -8.98 16.78 -0.75
CA GLY C 109 -8.53 17.85 0.13
C GLY C 109 -8.82 19.24 -0.38
N GLU C 110 -9.29 19.37 -1.63
CA GLU C 110 -9.50 20.67 -2.26
C GLU C 110 -8.19 21.44 -2.34
N THR C 111 -7.09 20.69 -2.39
CA THR C 111 -5.73 21.24 -2.30
C THR C 111 -5.37 22.03 -3.55
N ILE C 112 -5.70 21.51 -4.73
CA ILE C 112 -5.25 22.08 -5.99
C ILE C 112 -6.37 22.70 -6.80
N ASP C 113 -7.61 22.57 -6.34
CA ASP C 113 -8.76 23.15 -7.00
C ASP C 113 -8.80 24.67 -6.79
N GLU C 114 -9.56 25.35 -7.64
CA GLU C 114 -9.92 26.72 -7.36
C GLU C 114 -11.01 26.78 -6.28
N ASP C 115 -11.00 27.88 -5.52
CA ASP C 115 -12.06 28.09 -4.55
C ASP C 115 -13.42 28.12 -5.22
N ASP C 116 -13.51 28.74 -6.41
CA ASP C 116 -14.67 28.64 -7.28
C ASP C 116 -14.42 27.38 -8.12
N SER C 117 -14.99 26.27 -7.67
CA SER C 117 -14.49 24.96 -8.03
C SER C 117 -14.52 24.71 -9.52
N GLN C 118 -13.44 24.10 -10.03
CA GLN C 118 -13.40 23.54 -11.38
C GLN C 118 -13.37 22.03 -11.40
N ILE C 119 -12.69 21.41 -10.44
CA ILE C 119 -12.48 19.96 -10.42
C ILE C 119 -13.80 19.27 -10.09
N ASN C 120 -14.25 18.39 -11.00
CA ASN C 120 -15.40 17.53 -10.73
C ASN C 120 -15.01 16.13 -10.29
N GLY C 121 -13.84 15.65 -10.70
CA GLY C 121 -13.45 14.29 -10.36
C GLY C 121 -12.16 13.93 -11.02
N VAL C 122 -11.74 12.69 -10.81
CA VAL C 122 -10.47 12.22 -11.32
C VAL C 122 -10.60 10.74 -11.69
N VAL C 123 -9.87 10.34 -12.74
CA VAL C 123 -10.00 9.02 -13.35
C VAL C 123 -8.62 8.38 -13.47
N LEU C 124 -8.51 7.13 -13.03
CA LEU C 124 -7.35 6.30 -13.25
C LEU C 124 -7.73 5.21 -14.25
N SER C 125 -6.96 5.10 -15.32
CA SER C 125 -7.24 4.16 -16.40
C SER C 125 -6.07 3.20 -16.56
N ILE C 126 -6.34 1.91 -16.47
CA ILE C 126 -5.33 0.86 -16.62
C ILE C 126 -5.36 0.41 -18.07
N ARG C 127 -4.25 0.62 -18.78
CA ARG C 127 -4.20 0.32 -20.21
C ARG C 127 -2.83 -0.26 -20.58
N LYS C 128 -2.82 -1.12 -21.60
CA LYS C 128 -1.58 -1.77 -22.00
C LYS C 128 -0.53 -0.74 -22.44
N GLY C 129 -0.95 0.27 -23.20
CA GLY C 129 -0.02 1.27 -23.68
C GLY C 129 0.56 2.19 -22.62
N GLY C 130 0.15 2.05 -21.37
CA GLY C 130 0.54 2.97 -20.33
C GLY C 130 -0.68 3.48 -19.59
N ASN C 131 -0.57 3.58 -18.27
CA ASN C 131 -1.71 3.97 -17.46
C ASN C 131 -1.89 5.48 -17.50
N LYS C 132 -3.14 5.92 -17.39
CA LYS C 132 -3.52 7.31 -17.57
C LYS C 132 -4.17 7.86 -16.31
N PHE C 133 -3.88 9.12 -16.03
CA PHE C 133 -4.56 9.91 -15.01
C PHE C 133 -5.30 11.03 -15.73
N ALA C 134 -6.58 11.24 -15.42
CA ALA C 134 -7.33 12.36 -15.98
C ALA C 134 -8.02 13.13 -14.85
N LEU C 135 -7.79 14.43 -14.81
CA LEU C 135 -8.41 15.33 -13.84
C LEU C 135 -9.49 16.12 -14.57
N TRP C 136 -10.76 15.83 -14.26
CA TRP C 136 -11.91 16.36 -14.99
C TRP C 136 -12.38 17.69 -14.39
N THR C 137 -12.59 18.67 -15.25
CA THR C 137 -12.99 20.00 -14.83
C THR C 137 -14.33 20.38 -15.44
N ALA C 138 -14.99 21.34 -14.80
CA ALA C 138 -16.31 21.80 -15.24
C ALA C 138 -16.27 22.75 -16.42
N SER C 139 -15.17 23.48 -16.61
CA SER C 139 -15.06 24.45 -17.69
C SER C 139 -13.75 24.25 -18.44
N GLU C 140 -13.61 24.97 -19.54
CA GLU C 140 -12.35 25.10 -20.26
C GLU C 140 -11.63 26.41 -19.97
N ASP C 141 -12.05 27.14 -18.93
CA ASP C 141 -11.52 28.48 -18.65
C ASP C 141 -10.01 28.43 -18.44
N LYS C 142 -9.26 29.05 -19.34
CA LYS C 142 -7.82 28.81 -19.38
C LYS C 142 -7.12 29.27 -18.11
N GLU C 143 -7.48 30.44 -17.58
CA GLU C 143 -6.71 30.96 -16.45
C GLU C 143 -6.80 30.06 -15.23
N PRO C 144 -7.97 29.72 -14.72
CA PRO C 144 -8.01 28.77 -13.58
C PRO C 144 -7.39 27.43 -13.91
N LEU C 145 -7.59 26.94 -15.14
CA LEU C 145 -7.06 25.62 -15.50
C LEU C 145 -5.52 25.63 -15.51
N LEU C 146 -4.91 26.76 -15.87
CA LEU C 146 -3.45 26.85 -15.80
C LEU C 146 -2.96 26.66 -14.38
N ARG C 147 -3.65 27.27 -13.40
CA ARG C 147 -3.24 27.12 -12.01
C ARG C 147 -3.39 25.67 -11.55
N ILE C 148 -4.55 25.07 -11.84
CA ILE C 148 -4.80 23.69 -11.45
C ILE C 148 -3.78 22.77 -12.09
N GLY C 149 -3.56 22.95 -13.39
CA GLY C 149 -2.59 22.13 -14.11
C GLY C 149 -1.21 22.16 -13.50
N GLY C 150 -0.75 23.36 -13.14
CA GLY C 150 0.59 23.49 -12.58
C GLY C 150 0.73 22.78 -11.25
N LYS C 151 -0.32 22.82 -10.44
CA LYS C 151 -0.32 22.09 -9.17
C LYS C 151 -0.46 20.60 -9.38
N PHE C 152 -1.35 20.18 -10.29
CA PHE C 152 -1.45 18.76 -10.61
C PHE C 152 -0.12 18.20 -11.09
N LYS C 153 0.63 19.01 -11.84
CA LYS C 153 1.93 18.55 -12.33
C LYS C 153 2.87 18.22 -11.17
N GLN C 154 2.82 19.00 -10.10
CA GLN C 154 3.64 18.71 -8.94
C GLN C 154 3.10 17.51 -8.17
N VAL C 155 1.78 17.38 -8.10
CA VAL C 155 1.21 16.20 -7.45
C VAL C 155 1.76 14.92 -8.08
N LEU C 156 1.88 14.90 -9.41
CA LEU C 156 2.43 13.79 -10.16
C LEU C 156 3.96 13.71 -10.13
N ALA C 157 4.63 14.62 -9.44
CA ALA C 157 6.09 14.59 -9.29
C ALA C 157 6.82 14.79 -10.62
N LEU C 158 6.21 15.53 -11.53
CA LEU C 158 6.82 15.87 -12.80
C LEU C 158 7.58 17.20 -12.70
N THR C 159 8.64 17.31 -13.49
CA THR C 159 9.51 18.48 -13.54
C THR C 159 9.31 19.24 -14.85
N ASP C 160 10.14 20.28 -15.04
CA ASP C 160 10.13 21.02 -16.31
C ASP C 160 10.47 20.13 -17.49
N ASP C 161 11.07 18.96 -17.25
CA ASP C 161 11.31 18.04 -18.34
C ASP C 161 10.09 17.19 -18.70
N GLY C 162 9.07 17.19 -17.83
CA GLY C 162 7.80 16.57 -18.13
C GLY C 162 6.76 17.58 -18.63
N HIS C 163 5.56 17.07 -18.91
CA HIS C 163 4.52 17.92 -19.44
C HIS C 163 3.16 17.29 -19.25
N LEU C 164 2.14 18.14 -19.22
CA LEU C 164 0.73 17.79 -19.12
C LEU C 164 -0.05 18.57 -20.16
N GLU C 165 -1.15 17.99 -20.63
N GLU C 165 -1.14 17.99 -20.65
CA GLU C 165 -2.00 18.63 -21.62
CA GLU C 165 -2.01 18.64 -21.62
C GLU C 165 -3.46 18.59 -21.17
C GLU C 165 -3.46 18.60 -21.14
N PHE C 166 -4.20 19.64 -21.50
CA PHE C 166 -5.64 19.72 -21.22
C PHE C 166 -6.41 19.53 -22.51
N PHE C 167 -7.41 18.66 -22.46
CA PHE C 167 -8.25 18.37 -23.63
C PHE C 167 -9.70 18.71 -23.33
N PRO C 168 -10.31 19.71 -23.98
CA PRO C 168 -11.76 19.84 -23.90
C PRO C 168 -12.42 18.53 -24.27
N HIS C 169 -13.56 18.24 -23.64
CA HIS C 169 -14.23 16.97 -23.92
C HIS C 169 -14.69 16.89 -25.37
N SER C 170 -15.11 18.03 -25.94
CA SER C 170 -15.60 18.02 -27.32
C SER C 170 -14.59 17.39 -28.27
N SER C 171 -13.33 17.83 -28.21
CA SER C 171 -12.31 17.41 -29.15
C SER C 171 -11.73 16.03 -28.80
N GLY C 174 -10.35 11.77 -30.53
CA GLY C 174 -10.33 10.84 -31.66
C GLY C 174 -8.92 10.52 -32.14
N ARG C 175 -8.74 10.46 -33.46
CA ARG C 175 -7.45 10.06 -33.99
C ARG C 175 -6.36 11.09 -33.70
N HIS C 176 -6.72 12.36 -33.51
CA HIS C 176 -5.73 13.42 -33.29
C HIS C 176 -6.23 14.36 -32.21
N PRO C 177 -5.95 14.06 -30.95
CA PRO C 177 -6.39 14.93 -29.85
C PRO C 177 -5.98 16.38 -30.07
N GLN C 178 -6.79 17.29 -29.54
CA GLN C 178 -6.62 18.73 -29.70
C GLN C 178 -6.48 19.34 -28.31
N PRO C 179 -5.27 19.41 -27.76
CA PRO C 179 -5.11 20.08 -26.48
C PRO C 179 -5.20 21.59 -26.64
N SER C 180 -5.81 22.23 -25.65
CA SER C 180 -5.90 23.68 -25.62
C SER C 180 -4.93 24.32 -24.65
N ILE C 181 -4.40 23.54 -23.70
CA ILE C 181 -3.44 24.03 -22.72
C ILE C 181 -2.35 22.98 -22.58
N THR C 182 -1.11 23.44 -22.52
CA THR C 182 0.07 22.62 -22.28
C THR C 182 0.91 23.30 -21.21
N LEU C 183 1.43 22.52 -20.27
CA LEU C 183 2.41 23.06 -19.35
C LEU C 183 3.29 21.95 -18.76
N THR D 5 7.49 14.74 1.32
CA THR D 5 8.59 15.66 1.60
C THR D 5 8.67 16.79 0.56
N ASP D 6 8.13 16.56 -0.64
CA ASP D 6 8.22 17.60 -1.65
C ASP D 6 7.18 18.69 -1.39
N PRO D 7 7.46 19.91 -1.88
CA PRO D 7 6.67 21.08 -1.44
C PRO D 7 5.16 20.92 -1.53
N ILE D 8 4.67 20.31 -2.60
CA ILE D 8 3.23 20.27 -2.82
C ILE D 8 2.50 19.53 -1.70
N THR D 9 3.17 18.59 -1.02
CA THR D 9 2.49 17.82 0.02
C THR D 9 2.09 18.68 1.22
N ASN D 10 2.74 19.83 1.41
CA ASN D 10 2.38 20.74 2.50
C ASN D 10 1.50 21.89 2.06
N TYR D 11 1.26 22.03 0.75
CA TYR D 11 0.47 23.14 0.24
C TYR D 11 -0.98 23.05 0.69
N LYS D 12 -1.53 24.17 1.11
CA LYS D 12 -2.92 24.26 1.52
C LYS D 12 -3.46 25.63 1.11
N PRO D 13 -4.50 25.73 0.30
CA PRO D 13 -4.97 27.04 -0.14
C PRO D 13 -5.56 27.83 1.03
N MET D 14 -5.34 29.13 0.99
CA MET D 14 -5.69 30.02 2.08
C MET D 14 -6.72 31.02 1.61
N ASP D 15 -7.43 31.61 2.57
CA ASP D 15 -8.44 32.61 2.28
C ASP D 15 -9.50 32.06 1.33
N LEU D 16 -9.84 30.78 1.49
CA LEU D 16 -10.98 30.24 0.78
C LEU D 16 -12.24 30.97 1.23
N GLN D 17 -13.10 31.30 0.27
CA GLN D 17 -14.31 32.06 0.53
C GLN D 17 -15.57 31.25 0.26
N TYR D 18 -15.59 30.47 -0.82
CA TYR D 18 -16.70 29.59 -1.10
C TYR D 18 -16.61 28.33 -0.24
N LYS D 19 -15.42 27.77 -0.11
CA LYS D 19 -15.23 26.48 0.53
C LYS D 19 -14.92 26.65 2.02
N THR D 20 -15.24 25.63 2.78
CA THR D 20 -14.94 25.59 4.21
C THR D 20 -13.85 24.59 4.57
N TYR D 21 -13.86 23.39 3.99
CA TYR D 21 -12.96 22.32 4.38
C TYR D 21 -11.93 22.09 3.28
N ALA D 22 -10.68 22.42 3.58
CA ALA D 22 -9.56 22.15 2.71
C ALA D 22 -8.42 21.63 3.57
N TYR D 23 -7.63 20.72 3.00
CA TYR D 23 -6.57 20.02 3.71
C TYR D 23 -5.35 19.89 2.82
N SER D 24 -4.17 20.02 3.39
CA SER D 24 -2.97 19.63 2.67
C SER D 24 -2.88 18.11 2.62
N MET D 25 -2.08 17.60 1.68
CA MET D 25 -1.92 16.15 1.60
C MET D 25 -1.33 15.61 2.88
N ASN D 26 -0.37 16.30 3.48
CA ASN D 26 0.23 15.82 4.72
C ASN D 26 -0.78 15.83 5.87
N GLU D 27 -1.70 16.81 5.88
CA GLU D 27 -2.75 16.79 6.90
C GLU D 27 -3.63 15.56 6.77
N LEU D 28 -4.02 15.23 5.55
CA LEU D 28 -4.82 14.03 5.32
C LEU D 28 -4.06 12.78 5.74
N TYR D 29 -2.77 12.70 5.38
CA TYR D 29 -1.94 11.58 5.80
C TYR D 29 -1.95 11.44 7.32
N HIS D 30 -1.89 12.55 8.03
CA HIS D 30 -1.82 12.52 9.49
C HIS D 30 -3.18 12.27 10.13
N LEU D 31 -4.27 12.46 9.41
CA LEU D 31 -5.59 12.07 9.90
C LEU D 31 -5.91 10.60 9.61
N LYS D 32 -4.98 9.88 8.99
CA LYS D 32 -5.17 8.45 8.82
C LYS D 32 -5.18 7.77 10.19
N PRO D 33 -6.11 6.84 10.43
CA PRO D 33 -6.18 6.24 11.76
C PRO D 33 -4.91 5.48 12.11
N SER D 34 -4.69 5.32 13.41
CA SER D 34 -3.51 4.62 13.88
C SER D 34 -3.48 3.21 13.33
N LEU D 35 -2.28 2.66 13.19
CA LEU D 35 -2.13 1.26 12.82
C LEU D 35 -2.43 0.39 14.03
N ALA D 36 -2.68 -0.90 13.76
CA ALA D 36 -2.97 -1.86 14.82
C ALA D 36 -4.10 -1.36 15.71
N SER D 37 -5.12 -0.76 15.09
CA SER D 37 -6.26 -0.23 15.81
C SER D 37 -7.54 -0.74 15.16
N ALA D 38 -8.61 -0.78 15.97
CA ALA D 38 -9.91 -1.27 15.52
C ALA D 38 -10.94 -0.14 15.47
N SER D 39 -10.49 1.08 15.19
CA SER D 39 -11.42 2.20 15.05
C SER D 39 -12.50 1.89 14.02
N TYR D 40 -12.13 1.18 12.95
CA TYR D 40 -13.12 0.80 11.94
C TYR D 40 -14.20 -0.10 12.55
N GLU D 41 -13.85 -0.90 13.55
CA GLU D 41 -14.83 -1.73 14.23
C GLU D 41 -15.66 -0.92 15.21
N GLU D 42 -15.00 -0.14 16.06
CA GLU D 42 -15.70 0.57 17.13
C GLU D 42 -16.68 1.59 16.56
N ASP D 43 -16.29 2.28 15.49
CA ASP D 43 -17.15 3.30 14.91
C ASP D 43 -18.24 2.65 14.06
N PRO D 44 -19.52 2.84 14.38
CA PRO D 44 -20.56 2.10 13.64
C PRO D 44 -20.77 2.59 12.21
N LEU D 45 -20.63 3.90 11.97
CA LEU D 45 -20.83 4.41 10.61
C LEU D 45 -19.73 3.92 9.68
N ILE D 46 -18.50 3.84 10.17
CA ILE D 46 -17.42 3.40 9.30
C ILE D 46 -17.45 1.89 9.14
N SER D 47 -17.86 1.15 10.18
CA SER D 47 -18.03 -0.29 10.01
C SER D 47 -19.15 -0.59 9.01
N GLU D 48 -20.25 0.16 9.06
CA GLU D 48 -21.27 0.03 8.02
C GLU D 48 -20.65 0.22 6.65
N LEU D 49 -19.88 1.30 6.50
CA LEU D 49 -19.31 1.62 5.19
C LEU D 49 -18.43 0.48 4.69
N VAL D 50 -17.52 -0.01 5.54
CA VAL D 50 -16.59 -1.05 5.11
C VAL D 50 -17.35 -2.32 4.75
N ARG D 51 -18.34 -2.70 5.56
CA ARG D 51 -19.10 -3.91 5.29
C ARG D 51 -19.81 -3.88 3.94
N SER D 52 -20.15 -2.69 3.44
CA SER D 52 -20.91 -2.57 2.20
C SER D 52 -20.03 -2.56 0.96
N LEU D 53 -18.71 -2.57 1.10
CA LEU D 53 -17.84 -2.54 -0.06
C LEU D 53 -17.88 -3.87 -0.80
N PRO D 54 -17.57 -3.87 -2.11
CA PRO D 54 -17.53 -5.13 -2.85
C PRO D 54 -16.36 -5.99 -2.41
N LYS D 55 -16.47 -7.29 -2.71
CA LYS D 55 -15.43 -8.25 -2.37
C LYS D 55 -14.60 -8.57 -3.62
N ARG D 56 -13.62 -9.46 -3.45
CA ARG D 56 -12.57 -9.62 -4.46
C ARG D 56 -13.14 -9.93 -5.83
N LYS D 57 -14.23 -10.71 -5.89
CA LYS D 57 -14.76 -11.17 -7.16
C LYS D 57 -15.32 -10.02 -8.00
N PHE D 58 -15.81 -8.97 -7.35
CA PHE D 58 -16.40 -7.83 -8.06
C PHE D 58 -15.41 -7.22 -9.05
N TRP D 59 -14.15 -7.05 -8.65
CA TRP D 59 -13.17 -6.30 -9.42
C TRP D 59 -12.60 -7.06 -10.62
N ARG D 60 -12.80 -8.38 -10.72
CA ARG D 60 -12.26 -9.16 -11.84
C ARG D 60 -10.75 -9.01 -11.97
N LEU D 61 -10.05 -9.20 -10.85
CA LEU D 61 -8.60 -9.16 -10.87
C LEU D 61 -8.04 -10.33 -11.68
N ARG D 62 -6.87 -10.13 -12.28
CA ARG D 62 -6.28 -11.13 -13.17
C ARG D 62 -5.86 -12.36 -12.40
N MET D 63 -6.09 -13.53 -12.98
CA MET D 63 -5.86 -14.84 -12.37
C MET D 63 -6.76 -15.10 -11.17
N GLY D 64 -7.70 -14.20 -10.88
CA GLY D 64 -8.55 -14.34 -9.71
C GLY D 64 -8.08 -13.49 -8.54
#